data_7NWF
#
_entry.id   7NWF
#
_cell.length_a   49.299
_cell.length_b   74.024
_cell.length_c   125.540
_cell.angle_alpha   90.000
_cell.angle_beta   90.000
_cell.angle_gamma   90.000
#
_symmetry.space_group_name_H-M   'P 21 21 21'
#
loop_
_entity.id
_entity.type
_entity.pdbx_description
1 polymer 'Endo-beta-N-acetylglucosaminidase F1'
2 branched beta-D-galactopyranose-(1-4)-2-acetamido-2-deoxy-beta-D-glucopyranose-(1-2)-alpha-D-mannopyranose-(1-3)-[alpha-D-mannopyranose-(1-3)-[alpha-D-mannopyranose-(1-6)]alpha-D-mannopyranose-(1-6)]beta-D-mannopyranose-(1-4)-2-acetamido-2-deoxy-beta-D-glucopyranose
3 non-polymer GLYCEROL
4 water water
#
_entity_poly.entity_id   1
_entity_poly.type   'polypeptide(L)'
_entity_poly.pdbx_seq_one_letter_code
;GDDLEVGKNIDESAYSGIYENNAYLRDGKSNLVSKVVELHGETYATTVKMGLSKTPNTATSAKVKIDAAYLETYNKAHNT
DFALYPQDLVTFANEGILTVNANTKSAEVEMTIRAGEGLQEDKTYAIPVAISDQSSDITIKDEDAKHCIYLVKDMRNAGD
AYKGEGVMQGYLFFEVNDVNPLNTLSFQLENGKLLWDVVVLFAANINYDAEAGRPRVQCNPNVQYLLDNNETLLQPLRRR
GVKVLLGLLGNHDITGLAQLSEQGAKDFAREVAQYCKAYNLDGVNYDDEYSNSPDLSNPSLTNPSTAAAARLCYETKQAM
PDKLVTVFDWGQMYGVATVDGVDAKEWIDIVVANYGSAAYPIGQMTKKQCSGISMEFNLGGGGSLSASKAQSMIDGGYGW
FMGFAPSPAKYGSVFSRLQGGGEVLYGSNVAAPTIFYKKNDPTPYKYPDDL
;
_entity_poly.pdbx_strand_id   A
#
loop_
_chem_comp.id
_chem_comp.type
_chem_comp.name
_chem_comp.formula
BMA D-saccharide, beta linking beta-D-mannopyranose 'C6 H12 O6'
GAL D-saccharide, beta linking beta-D-galactopyranose 'C6 H12 O6'
GOL non-polymer GLYCEROL 'C3 H8 O3'
MAN D-saccharide, alpha linking alpha-D-mannopyranose 'C6 H12 O6'
NAG D-saccharide, beta linking 2-acetamido-2-deoxy-beta-D-glucopyranose 'C8 H15 N O6'
#
# COMPACT_ATOMS: atom_id res chain seq x y z
N GLU A 20 30.20 -0.47 -21.20
CA GLU A 20 29.34 -1.12 -20.22
C GLU A 20 27.85 -0.83 -20.46
N ASN A 21 27.07 -1.85 -20.83
CA ASN A 21 25.63 -1.73 -21.05
C ASN A 21 24.94 -2.41 -19.86
N ASN A 22 24.40 -1.62 -18.95
CA ASN A 22 23.90 -2.19 -17.71
C ASN A 22 22.42 -2.49 -17.84
N ALA A 23 22.04 -3.67 -17.37
CA ALA A 23 20.67 -4.16 -17.41
C ALA A 23 20.13 -4.33 -16.00
N TYR A 24 18.83 -4.14 -15.84
CA TYR A 24 18.15 -4.58 -14.64
C TYR A 24 16.78 -5.10 -15.04
N LEU A 25 16.14 -5.84 -14.12
CA LEU A 25 14.89 -6.51 -14.39
C LEU A 25 13.76 -5.87 -13.56
N ARG A 26 12.59 -5.77 -14.15
CA ARG A 26 11.46 -5.16 -13.47
C ARG A 26 10.21 -5.73 -14.11
N ASP A 27 9.11 -5.68 -13.36
CA ASP A 27 7.84 -5.99 -13.96
C ASP A 27 7.51 -4.93 -15.02
N GLY A 28 7.06 -5.39 -16.20
CA GLY A 28 6.84 -4.49 -17.32
C GLY A 28 5.59 -3.63 -17.22
N LYS A 29 4.52 -4.15 -16.61
CA LYS A 29 3.29 -3.36 -16.47
CA LYS A 29 3.29 -3.37 -16.45
C LYS A 29 3.46 -2.26 -15.42
N SER A 30 3.93 -2.60 -14.23
CA SER A 30 4.07 -1.62 -13.16
C SER A 30 5.39 -0.87 -13.19
N ASN A 31 6.40 -1.38 -13.89
CA ASN A 31 7.77 -0.88 -13.89
C ASN A 31 8.45 -0.94 -12.52
N LEU A 32 8.00 -1.83 -11.64
CA LEU A 32 8.58 -2.02 -10.30
C LEU A 32 9.46 -3.27 -10.22
N VAL A 33 10.57 -3.18 -9.48
CA VAL A 33 11.42 -4.34 -9.24
CA VAL A 33 11.39 -4.37 -9.28
C VAL A 33 10.76 -5.30 -8.26
N SER A 34 9.83 -4.81 -7.44
CA SER A 34 9.12 -5.69 -6.51
C SER A 34 7.65 -5.36 -6.68
N LYS A 35 6.86 -6.34 -7.13
CA LYS A 35 5.47 -6.09 -7.54
C LYS A 35 4.52 -7.02 -6.78
N VAL A 36 3.58 -6.44 -6.03
CA VAL A 36 2.55 -7.25 -5.37
C VAL A 36 1.46 -7.58 -6.40
N VAL A 37 1.12 -8.86 -6.53
CA VAL A 37 0.11 -9.31 -7.49
C VAL A 37 -1.06 -9.86 -6.70
N GLU A 38 -2.25 -9.43 -7.05
CA GLU A 38 -3.49 -9.87 -6.44
C GLU A 38 -4.31 -10.60 -7.48
N LEU A 39 -4.53 -11.89 -7.27
CA LEU A 39 -5.29 -12.69 -8.20
C LEU A 39 -6.76 -12.51 -7.87
N HIS A 40 -7.48 -11.87 -8.76
CA HIS A 40 -8.92 -11.83 -8.67
C HIS A 40 -9.57 -12.77 -9.67
N GLY A 41 -8.76 -13.53 -10.42
CA GLY A 41 -9.25 -14.50 -11.37
C GLY A 41 -8.35 -15.73 -11.43
N GLU A 42 -8.49 -16.50 -12.50
CA GLU A 42 -7.75 -17.75 -12.65
C GLU A 42 -6.33 -17.53 -13.19
N THR A 43 -6.13 -16.48 -13.98
CA THR A 43 -4.83 -16.09 -14.51
C THR A 43 -4.58 -14.60 -14.29
N TYR A 44 -3.30 -14.26 -14.20
CA TYR A 44 -2.81 -12.89 -14.19
C TYR A 44 -1.70 -12.81 -15.23
N ALA A 45 -1.80 -11.86 -16.15
CA ALA A 45 -0.80 -11.72 -17.20
C ALA A 45 -0.05 -10.40 -17.07
N THR A 46 1.26 -10.45 -17.29
CA THR A 46 2.11 -9.28 -17.31
C THR A 46 3.30 -9.57 -18.22
N THR A 47 4.26 -8.65 -18.26
CA THR A 47 5.52 -8.92 -18.91
C THR A 47 6.63 -8.74 -17.89
N VAL A 48 7.73 -9.43 -18.10
CA VAL A 48 8.98 -9.15 -17.41
C VAL A 48 9.87 -8.35 -18.36
N LYS A 49 10.50 -7.30 -17.86
CA LYS A 49 11.19 -6.34 -18.71
C LYS A 49 12.62 -6.14 -18.24
N MET A 50 13.57 -6.34 -19.15
CA MET A 50 14.95 -5.98 -18.93
C MET A 50 15.19 -4.60 -19.55
N GLY A 51 15.71 -3.67 -18.76
CA GLY A 51 16.10 -2.36 -19.25
C GLY A 51 17.60 -2.33 -19.53
N LEU A 52 17.98 -1.57 -20.54
CA LEU A 52 19.39 -1.41 -20.89
C LEU A 52 19.77 0.07 -20.90
N SER A 53 20.96 0.35 -20.40
CA SER A 53 21.42 1.74 -20.34
C SER A 53 21.88 2.25 -21.69
N LYS A 54 22.33 1.34 -22.56
CA LYS A 54 22.80 1.64 -23.92
C LYS A 54 21.95 0.89 -24.94
N THR A 55 21.90 1.45 -26.14
CA THR A 55 21.22 0.76 -27.22
C THR A 55 21.92 -0.58 -27.49
N PRO A 56 21.19 -1.69 -27.56
CA PRO A 56 21.83 -2.98 -27.77
C PRO A 56 22.10 -3.21 -29.26
N ASN A 57 22.99 -4.15 -29.54
CA ASN A 57 23.23 -4.47 -30.95
C ASN A 57 22.36 -5.65 -31.40
N THR A 58 22.49 -6.02 -32.68
CA THR A 58 21.70 -7.09 -33.25
C THR A 58 21.85 -8.41 -32.48
N ALA A 59 23.03 -8.66 -31.91
CA ALA A 59 23.28 -9.91 -31.20
C ALA A 59 22.80 -9.92 -29.75
N THR A 60 22.36 -8.78 -29.22
CA THR A 60 22.06 -8.73 -27.79
C THR A 60 20.89 -9.64 -27.47
N SER A 61 21.03 -10.43 -26.40
CA SER A 61 19.98 -11.39 -26.07
C SER A 61 20.05 -11.74 -24.58
N ALA A 62 18.93 -12.26 -24.06
CA ALA A 62 18.88 -12.77 -22.69
C ALA A 62 17.57 -13.54 -22.50
N LYS A 63 17.52 -14.31 -21.42
CA LYS A 63 16.34 -15.09 -21.06
C LYS A 63 15.99 -14.77 -19.61
N VAL A 64 14.77 -15.12 -19.18
CA VAL A 64 14.45 -15.06 -17.76
C VAL A 64 14.03 -16.44 -17.28
N LYS A 65 14.21 -16.69 -15.98
CA LYS A 65 13.79 -17.95 -15.39
C LYS A 65 13.37 -17.69 -13.95
N ILE A 66 12.56 -18.60 -13.39
CA ILE A 66 12.32 -18.55 -11.95
C ILE A 66 13.61 -18.96 -11.26
N ASP A 67 14.02 -18.18 -10.26
CA ASP A 67 15.24 -18.46 -9.51
C ASP A 67 14.87 -18.76 -8.06
N ALA A 68 14.49 -20.02 -7.81
CA ALA A 68 14.04 -20.40 -6.47
C ALA A 68 15.15 -20.30 -5.44
N ALA A 69 16.39 -20.61 -5.83
CA ALA A 69 17.49 -20.45 -4.90
C ALA A 69 17.58 -19.04 -4.37
N TYR A 70 17.22 -18.05 -5.18
CA TYR A 70 17.37 -16.68 -4.73
C TYR A 70 16.39 -16.32 -3.60
N LEU A 71 15.30 -17.09 -3.44
CA LEU A 71 14.30 -16.70 -2.44
C LEU A 71 14.88 -16.72 -1.03
N GLU A 72 15.69 -17.75 -0.72
CA GLU A 72 16.38 -17.79 0.57
C GLU A 72 17.14 -16.51 0.80
N THR A 73 17.86 -16.04 -0.21
CA THR A 73 18.63 -14.82 -0.10
C THR A 73 17.73 -13.60 0.09
N TYR A 74 16.61 -13.56 -0.65
CA TYR A 74 15.69 -12.45 -0.55
C TYR A 74 15.05 -12.41 0.83
N ASN A 75 14.54 -13.55 1.29
CA ASN A 75 13.92 -13.63 2.60
C ASN A 75 14.88 -13.20 3.70
N LYS A 76 16.13 -13.66 3.66
CA LYS A 76 17.08 -13.23 4.66
C LYS A 76 17.29 -11.73 4.59
N ALA A 77 17.46 -11.20 3.37
CA ALA A 77 17.73 -9.78 3.26
C ALA A 77 16.60 -8.94 3.83
N HIS A 78 15.36 -9.40 3.69
CA HIS A 78 14.21 -8.61 4.14
C HIS A 78 13.63 -9.10 5.46
N ASN A 79 14.23 -10.11 6.10
CA ASN A 79 13.65 -10.72 7.29
CA ASN A 79 13.66 -10.72 7.30
C ASN A 79 12.20 -11.12 7.05
N THR A 80 11.96 -11.71 5.88
CA THR A 80 10.62 -12.19 5.51
C THR A 80 10.66 -13.70 5.46
N ASP A 81 9.51 -14.31 5.19
CA ASP A 81 9.42 -15.76 5.11
CA ASP A 81 9.41 -15.76 5.12
C ASP A 81 8.42 -16.16 4.02
N PHE A 82 8.53 -15.53 2.86
CA PHE A 82 7.64 -15.87 1.76
C PHE A 82 7.97 -17.27 1.21
N ALA A 83 6.92 -18.07 1.05
CA ALA A 83 7.06 -19.37 0.45
C ALA A 83 7.08 -19.21 -1.05
N LEU A 84 7.80 -20.12 -1.71
CA LEU A 84 7.86 -20.06 -3.16
C LEU A 84 6.49 -20.38 -3.75
N TYR A 85 6.08 -19.61 -4.73
CA TYR A 85 4.84 -19.92 -5.41
C TYR A 85 5.05 -21.14 -6.31
N PRO A 86 4.10 -22.11 -6.36
CA PRO A 86 4.34 -23.33 -7.15
C PRO A 86 4.79 -23.00 -8.56
N GLN A 87 6.02 -23.39 -8.90
CA GLN A 87 6.58 -23.01 -10.19
C GLN A 87 5.73 -23.45 -11.38
N ASP A 88 5.05 -24.60 -11.27
CA ASP A 88 4.23 -25.09 -12.37
C ASP A 88 3.10 -24.14 -12.70
N LEU A 89 2.76 -23.21 -11.80
CA LEU A 89 1.70 -22.24 -12.04
C LEU A 89 2.17 -20.97 -12.75
N VAL A 90 3.47 -20.85 -13.07
CA VAL A 90 4.03 -19.70 -13.79
C VAL A 90 4.56 -20.19 -15.13
N THR A 91 4.20 -19.50 -16.21
CA THR A 91 4.77 -19.84 -17.51
C THR A 91 5.12 -18.56 -18.26
N PHE A 92 6.31 -18.57 -18.87
CA PHE A 92 6.77 -17.49 -19.73
C PHE A 92 6.54 -17.86 -21.18
N ALA A 93 6.03 -16.93 -21.98
CA ALA A 93 6.04 -17.10 -23.42
C ALA A 93 7.47 -17.35 -23.92
N ASN A 94 7.58 -17.91 -25.15
CA ASN A 94 8.83 -17.90 -25.91
C ASN A 94 9.99 -18.50 -25.11
N GLU A 95 9.71 -19.53 -24.34
CA GLU A 95 10.72 -20.23 -23.54
C GLU A 95 11.46 -19.30 -22.58
N GLY A 96 10.86 -18.18 -22.23
CA GLY A 96 11.54 -17.26 -21.36
C GLY A 96 12.48 -16.30 -22.08
N ILE A 97 12.60 -16.41 -23.40
CA ILE A 97 13.51 -15.55 -24.15
C ILE A 97 12.94 -14.14 -24.23
N LEU A 98 13.79 -13.14 -23.98
CA LEU A 98 13.40 -11.74 -24.01
C LEU A 98 13.52 -11.21 -25.44
N THR A 99 12.42 -10.69 -25.96
CA THR A 99 12.42 -10.04 -27.25
C THR A 99 12.94 -8.61 -27.12
N VAL A 100 13.98 -8.29 -27.88
CA VAL A 100 14.72 -7.05 -27.76
C VAL A 100 14.11 -6.01 -28.69
N ASN A 101 13.91 -4.83 -28.15
CA ASN A 101 13.48 -3.61 -28.81
C ASN A 101 14.62 -2.62 -28.62
N ALA A 102 15.44 -2.45 -29.65
CA ALA A 102 16.59 -1.58 -29.45
C ALA A 102 16.14 -0.11 -29.42
N ASN A 103 15.04 0.23 -30.09
CA ASN A 103 14.47 1.58 -30.10
C ASN A 103 13.90 2.00 -28.73
N THR A 104 13.81 1.10 -27.75
CA THR A 104 13.41 1.47 -26.39
C THR A 104 14.40 0.97 -25.36
N LYS A 105 15.61 0.59 -25.77
CA LYS A 105 16.64 0.11 -24.85
C LYS A 105 16.08 -0.91 -23.85
N SER A 106 15.24 -1.84 -24.31
CA SER A 106 14.60 -2.81 -23.42
C SER A 106 14.26 -4.10 -24.16
N ALA A 107 14.01 -5.15 -23.38
CA ALA A 107 13.61 -6.46 -23.86
C ALA A 107 12.60 -7.05 -22.89
N GLU A 108 11.59 -7.76 -23.42
CA GLU A 108 10.58 -8.29 -22.53
C GLU A 108 10.03 -9.62 -23.01
N VAL A 109 9.29 -10.27 -22.12
CA VAL A 109 8.65 -11.56 -22.36
C VAL A 109 7.36 -11.56 -21.54
N GLU A 110 6.29 -12.15 -22.10
CA GLU A 110 5.03 -12.28 -21.38
C GLU A 110 5.15 -13.34 -20.30
N MET A 111 4.55 -13.06 -19.15
CA MET A 111 4.53 -14.01 -18.04
C MET A 111 3.10 -14.14 -17.57
N THR A 112 2.69 -15.37 -17.29
CA THR A 112 1.34 -15.66 -16.86
C THR A 112 1.41 -16.37 -15.52
N ILE A 113 0.63 -15.86 -14.57
CA ILE A 113 0.47 -16.51 -13.28
C ILE A 113 -0.91 -17.13 -13.28
N ARG A 114 -0.99 -18.41 -12.92
CA ARG A 114 -2.28 -19.08 -12.80
C ARG A 114 -2.55 -19.27 -11.31
N ALA A 115 -3.81 -19.10 -10.93
CA ALA A 115 -4.22 -19.40 -9.55
C ALA A 115 -4.11 -20.90 -9.29
N GLY A 116 -3.75 -21.27 -8.06
CA GLY A 116 -3.47 -22.64 -7.71
C GLY A 116 -4.63 -23.34 -6.99
N GLU A 117 -4.34 -24.55 -6.52
CA GLU A 117 -5.37 -25.45 -6.02
C GLU A 117 -5.46 -25.37 -4.51
N GLY A 118 -4.55 -26.00 -3.79
CA GLY A 118 -4.74 -26.01 -2.35
C GLY A 118 -3.75 -25.14 -1.61
N LEU A 119 -3.53 -23.94 -2.12
CA LEU A 119 -2.62 -22.98 -1.49
C LEU A 119 -3.29 -22.38 -0.24
N GLN A 120 -2.65 -22.53 0.92
CA GLN A 120 -3.26 -21.98 2.12
C GLN A 120 -3.45 -20.46 2.01
N GLU A 121 -4.62 -19.97 2.44
CA GLU A 121 -5.11 -18.65 2.10
C GLU A 121 -4.49 -17.59 3.01
N ASP A 122 -4.74 -16.31 2.67
CA ASP A 122 -4.21 -15.16 3.42
C ASP A 122 -2.69 -15.25 3.59
N LYS A 123 -1.99 -15.52 2.50
CA LYS A 123 -0.57 -15.84 2.56
C LYS A 123 0.06 -15.38 1.27
N THR A 124 1.25 -14.77 1.37
CA THR A 124 1.94 -14.17 0.22
C THR A 124 3.00 -15.14 -0.31
N TYR A 125 2.95 -15.44 -1.59
CA TYR A 125 3.92 -16.34 -2.21
C TYR A 125 4.85 -15.53 -3.12
N ALA A 126 6.06 -16.05 -3.34
CA ALA A 126 7.07 -15.31 -4.09
C ALA A 126 7.41 -15.99 -5.42
N ILE A 127 7.55 -15.18 -6.48
CA ILE A 127 8.12 -15.61 -7.74
C ILE A 127 9.38 -14.78 -8.00
N PRO A 128 10.54 -15.27 -7.59
CA PRO A 128 11.79 -14.56 -7.89
C PRO A 128 12.23 -14.91 -9.31
N VAL A 129 12.49 -13.87 -10.11
CA VAL A 129 12.75 -13.97 -11.54
C VAL A 129 14.14 -13.42 -11.80
N ALA A 130 14.95 -14.17 -12.54
CA ALA A 130 16.35 -13.83 -12.81
C ALA A 130 16.58 -13.68 -14.31
N ILE A 131 17.40 -12.69 -14.67
CA ILE A 131 18.02 -12.69 -16.01
C ILE A 131 18.98 -13.86 -16.09
N SER A 132 18.94 -14.59 -17.21
CA SER A 132 19.80 -15.73 -17.44
CA SER A 132 19.87 -15.69 -17.43
C SER A 132 20.33 -15.67 -18.87
N ASP A 133 21.47 -16.33 -19.12
CA ASP A 133 22.03 -16.51 -20.47
C ASP A 133 22.10 -15.18 -21.24
N GLN A 134 22.45 -14.10 -20.54
CA GLN A 134 22.56 -12.82 -21.22
C GLN A 134 23.85 -12.76 -22.03
N SER A 135 23.79 -12.10 -23.19
CA SER A 135 24.97 -11.96 -24.02
C SER A 135 26.04 -11.13 -23.32
N SER A 136 27.27 -11.24 -23.84
CA SER A 136 28.42 -10.70 -23.11
C SER A 136 28.46 -9.17 -23.14
N ASP A 137 27.75 -8.54 -24.06
CA ASP A 137 27.70 -7.09 -24.06
C ASP A 137 26.93 -6.53 -22.87
N ILE A 138 26.15 -7.36 -22.17
CA ILE A 138 25.30 -6.91 -21.07
C ILE A 138 26.06 -7.06 -19.76
N THR A 139 26.06 -6.00 -18.95
CA THR A 139 26.54 -6.08 -17.58
C THR A 139 25.36 -6.11 -16.62
N ILE A 140 25.47 -6.94 -15.60
CA ILE A 140 24.49 -7.01 -14.51
C ILE A 140 25.25 -6.73 -13.22
N LYS A 141 25.05 -5.56 -12.64
CA LYS A 141 26.01 -5.07 -11.67
C LYS A 141 25.93 -5.83 -10.35
N ASP A 142 24.81 -6.44 -10.01
CA ASP A 142 24.72 -7.13 -8.72
C ASP A 142 23.48 -8.02 -8.73
N GLU A 143 23.30 -8.77 -7.65
CA GLU A 143 22.17 -9.69 -7.60
C GLU A 143 20.84 -8.95 -7.59
N ASP A 144 20.84 -7.69 -7.14
CA ASP A 144 19.61 -6.92 -7.19
C ASP A 144 19.22 -6.64 -8.63
N ALA A 145 20.18 -6.21 -9.45
CA ALA A 145 19.87 -5.89 -10.83
C ALA A 145 19.46 -7.13 -11.61
N LYS A 146 19.92 -8.30 -11.17
CA LYS A 146 19.65 -9.54 -11.88
C LYS A 146 18.23 -10.06 -11.68
N HIS A 147 17.53 -9.61 -10.64
CA HIS A 147 16.21 -10.13 -10.29
C HIS A 147 15.17 -9.04 -10.19
N CYS A 148 13.94 -9.43 -10.44
CA CYS A 148 12.76 -8.79 -9.87
C CYS A 148 11.96 -9.86 -9.13
N ILE A 149 10.94 -9.44 -8.41
CA ILE A 149 10.17 -10.39 -7.62
C ILE A 149 8.70 -10.03 -7.69
N TYR A 150 7.84 -11.05 -7.76
CA TYR A 150 6.40 -10.89 -7.66
C TYR A 150 5.97 -11.51 -6.33
N LEU A 151 5.10 -10.81 -5.59
CA LEU A 151 4.60 -11.27 -4.30
C LEU A 151 3.11 -11.51 -4.49
N VAL A 152 2.73 -12.80 -4.51
CA VAL A 152 1.44 -13.21 -5.04
C VAL A 152 0.47 -13.50 -3.91
N LYS A 153 -0.76 -13.01 -4.04
CA LYS A 153 -1.81 -13.24 -3.08
C LYS A 153 -3.06 -13.67 -3.82
N ASP A 154 -3.67 -14.75 -3.34
CA ASP A 154 -4.90 -15.26 -3.93
C ASP A 154 -6.09 -14.54 -3.29
N MET A 155 -6.74 -13.66 -4.05
CA MET A 155 -7.87 -12.87 -3.57
C MET A 155 -9.18 -13.28 -4.24
N ARG A 156 -9.26 -14.50 -4.76
CA ARG A 156 -10.45 -14.90 -5.48
C ARG A 156 -11.66 -14.98 -4.55
N ASN A 157 -11.44 -15.27 -3.27
CA ASN A 157 -12.55 -15.43 -2.37
C ASN A 157 -12.85 -14.17 -1.57
N ALA A 158 -11.93 -13.18 -1.59
CA ALA A 158 -12.07 -11.96 -0.80
C ALA A 158 -12.46 -10.81 -1.71
N GLY A 159 -13.55 -10.94 -2.44
CA GLY A 159 -13.79 -10.04 -3.54
C GLY A 159 -14.84 -8.97 -3.32
N ASP A 160 -15.41 -8.86 -2.12
CA ASP A 160 -16.56 -7.90 -2.07
C ASP A 160 -16.02 -6.47 -2.04
N ALA A 161 -14.81 -6.20 -1.51
CA ALA A 161 -14.23 -4.87 -1.74
C ALA A 161 -13.70 -4.65 -3.16
N TYR A 162 -13.57 -5.68 -3.98
CA TYR A 162 -13.00 -5.57 -5.32
C TYR A 162 -14.06 -5.15 -6.33
N LYS A 163 -13.97 -3.93 -6.84
CA LYS A 163 -15.00 -3.39 -7.72
C LYS A 163 -14.60 -3.42 -9.20
N GLY A 164 -13.55 -4.17 -9.54
CA GLY A 164 -13.15 -4.35 -10.91
C GLY A 164 -11.82 -3.67 -11.21
N GLU A 165 -11.29 -4.00 -12.37
CA GLU A 165 -9.99 -3.45 -12.84
C GLU A 165 -10.15 -2.00 -13.32
N GLY A 166 -9.24 -1.13 -12.90
CA GLY A 166 -9.18 0.21 -13.39
C GLY A 166 -10.02 1.20 -12.64
N VAL A 167 -10.81 0.77 -11.64
CA VAL A 167 -11.72 1.68 -10.97
C VAL A 167 -10.98 2.44 -9.88
N MET A 168 -11.54 3.58 -9.49
CA MET A 168 -11.06 4.28 -8.30
C MET A 168 -11.37 3.49 -7.04
N GLN A 169 -10.54 3.68 -6.02
CA GLN A 169 -10.67 2.92 -4.78
C GLN A 169 -10.75 3.87 -3.59
N GLY A 170 -11.35 3.37 -2.51
CA GLY A 170 -11.61 4.17 -1.34
C GLY A 170 -10.54 3.95 -0.28
N TYR A 171 -10.25 5.01 0.46
CA TYR A 171 -9.25 4.99 1.54
C TYR A 171 -9.83 5.74 2.73
N LEU A 172 -10.08 5.05 3.85
CA LEU A 172 -10.89 5.59 4.95
C LEU A 172 -10.14 5.51 6.29
N PHE A 173 -10.02 6.66 6.97
CA PHE A 173 -9.48 6.73 8.33
C PHE A 173 -10.61 6.59 9.36
N PHE A 174 -10.44 5.71 10.35
CA PHE A 174 -11.31 5.70 11.52
C PHE A 174 -10.59 6.30 12.72
N GLU A 175 -11.26 7.24 13.39
CA GLU A 175 -10.74 7.70 14.67
C GLU A 175 -11.11 6.62 15.66
N VAL A 176 -10.20 5.64 15.83
CA VAL A 176 -10.59 4.46 16.61
C VAL A 176 -10.67 4.73 18.11
N ASN A 177 -10.28 5.92 18.57
CA ASN A 177 -10.65 6.23 19.95
C ASN A 177 -12.16 6.18 20.12
N ASP A 178 -12.93 6.45 19.04
CA ASP A 178 -14.38 6.59 19.13
C ASP A 178 -15.17 5.60 18.29
N VAL A 179 -14.65 5.18 17.14
CA VAL A 179 -15.46 4.52 16.11
C VAL A 179 -14.91 3.13 15.77
N ASN A 180 -15.79 2.16 15.81
CA ASN A 180 -15.48 0.77 15.47
C ASN A 180 -15.21 0.66 13.97
N PRO A 181 -14.05 0.15 13.56
CA PRO A 181 -13.76 0.01 12.13
C PRO A 181 -14.67 -1.00 11.43
N LEU A 182 -15.42 -1.85 12.15
CA LEU A 182 -16.40 -2.69 11.47
C LEU A 182 -17.45 -1.84 10.75
N ASN A 183 -17.59 -0.56 11.13
CA ASN A 183 -18.44 0.34 10.38
C ASN A 183 -18.01 0.51 8.93
N THR A 184 -16.81 0.09 8.56
CA THR A 184 -16.49 -0.09 7.15
C THR A 184 -17.65 -0.81 6.42
N LEU A 185 -18.21 -1.84 7.08
CA LEU A 185 -19.25 -2.69 6.45
C LEU A 185 -20.57 -1.98 6.26
N SER A 186 -20.77 -0.79 6.87
CA SER A 186 -21.98 0.02 6.63
C SER A 186 -22.04 0.57 5.22
N PHE A 187 -20.91 0.60 4.49
CA PHE A 187 -20.79 1.30 3.19
C PHE A 187 -20.74 0.30 2.06
N GLN A 188 -21.90 0.02 1.43
CA GLN A 188 -21.99 -0.89 0.32
C GLN A 188 -22.63 -0.18 -0.86
N LEU A 189 -22.24 -0.59 -2.07
CA LEU A 189 -22.98 -0.15 -3.25
C LEU A 189 -24.32 -0.87 -3.30
N GLU A 190 -25.23 -0.41 -4.19
CA GLU A 190 -26.49 -1.12 -4.37
CA GLU A 190 -26.48 -1.13 -4.37
C GLU A 190 -26.28 -2.54 -4.89
N ASN A 191 -25.17 -2.81 -5.55
CA ASN A 191 -24.88 -4.18 -5.97
C ASN A 191 -24.17 -4.99 -4.88
N GLY A 192 -24.03 -4.46 -3.66
CA GLY A 192 -23.42 -5.21 -2.59
C GLY A 192 -21.93 -5.01 -2.38
N LYS A 193 -21.18 -4.48 -3.36
CA LYS A 193 -19.74 -4.27 -3.16
C LYS A 193 -19.47 -3.29 -2.02
N LEU A 194 -18.37 -3.51 -1.29
CA LEU A 194 -17.92 -2.58 -0.26
C LEU A 194 -17.20 -1.38 -0.87
N LEU A 195 -17.58 -0.19 -0.44
CA LEU A 195 -17.00 1.04 -0.99
C LEU A 195 -15.52 1.18 -0.63
N TRP A 196 -15.13 0.91 0.62
CA TRP A 196 -13.83 1.36 1.13
C TRP A 196 -12.79 0.25 0.99
N ASP A 197 -11.98 0.35 -0.08
CA ASP A 197 -10.97 -0.69 -0.34
C ASP A 197 -9.93 -0.81 0.76
N VAL A 198 -9.60 0.31 1.41
CA VAL A 198 -8.50 0.42 2.37
C VAL A 198 -9.00 1.26 3.54
N VAL A 199 -8.75 0.80 4.76
CA VAL A 199 -9.14 1.58 5.93
C VAL A 199 -7.92 1.67 6.84
N VAL A 200 -7.86 2.75 7.63
CA VAL A 200 -6.74 3.03 8.53
C VAL A 200 -7.25 3.11 9.98
N LEU A 201 -6.54 2.42 10.89
CA LEU A 201 -6.76 2.54 12.32
C LEU A 201 -5.98 3.75 12.85
N PHE A 202 -6.67 4.87 13.04
CA PHE A 202 -6.04 6.15 13.38
C PHE A 202 -6.21 6.43 14.88
N ALA A 203 -5.12 6.32 15.66
CA ALA A 203 -3.79 5.98 15.19
C ALA A 203 -2.97 5.45 16.34
N ALA A 204 -2.08 4.50 16.05
CA ALA A 204 -0.92 4.23 16.89
C ALA A 204 0.05 5.42 16.82
N ASN A 205 1.00 5.48 17.76
CA ASN A 205 1.89 6.64 17.87
C ASN A 205 3.36 6.23 17.84
N ILE A 206 4.22 7.17 17.43
CA ILE A 206 5.65 7.04 17.66
C ILE A 206 5.97 7.88 18.88
N ASN A 207 6.66 7.29 19.84
CA ASN A 207 7.04 7.94 21.10
C ASN A 207 8.38 7.37 21.54
N TYR A 208 9.09 8.13 22.37
CA TYR A 208 10.41 7.71 22.82
C TYR A 208 10.29 6.66 23.92
N ASP A 209 11.02 5.55 23.79
CA ASP A 209 11.14 4.57 24.87
C ASP A 209 12.51 4.74 25.54
N ALA A 210 12.48 5.23 26.79
CA ALA A 210 13.72 5.51 27.54
C ALA A 210 14.57 4.26 27.76
N GLU A 211 13.95 3.11 28.09
CA GLU A 211 14.77 1.98 28.52
C GLU A 211 15.48 1.31 27.33
N ALA A 212 14.83 1.23 26.16
CA ALA A 212 15.54 0.77 24.95
C ALA A 212 16.39 1.87 24.32
N GLY A 213 16.18 3.13 24.71
CA GLY A 213 16.95 4.24 24.17
C GLY A 213 16.61 4.60 22.73
N ARG A 214 15.33 4.53 22.34
CA ARG A 214 14.96 4.73 20.95
C ARG A 214 13.46 4.95 20.84
N PRO A 215 12.98 5.35 19.67
CA PRO A 215 11.52 5.38 19.44
C PRO A 215 10.92 3.98 19.49
N ARG A 216 9.67 3.93 19.90
CA ARG A 216 8.86 2.73 19.77
C ARG A 216 7.47 3.11 19.24
N VAL A 217 6.76 2.10 18.76
CA VAL A 217 5.33 2.21 18.57
C VAL A 217 4.64 2.20 19.93
N GLN A 218 3.79 3.19 20.19
CA GLN A 218 3.03 3.29 21.44
C GLN A 218 1.54 3.31 21.09
N CYS A 219 0.78 2.37 21.63
CA CYS A 219 -0.63 2.24 21.26
C CYS A 219 -1.46 2.66 22.45
N ASN A 220 -2.39 3.57 22.25
CA ASN A 220 -3.29 3.92 23.35
C ASN A 220 -4.27 2.75 23.58
N PRO A 221 -5.02 2.76 24.67
CA PRO A 221 -5.81 1.58 25.01
C PRO A 221 -6.83 1.23 23.95
N ASN A 222 -7.33 2.21 23.19
CA ASN A 222 -8.29 1.87 22.15
C ASN A 222 -7.60 1.16 20.99
N VAL A 223 -6.45 1.68 20.56
CA VAL A 223 -5.69 1.02 19.51
C VAL A 223 -5.28 -0.38 19.95
N GLN A 224 -4.80 -0.51 21.19
CA GLN A 224 -4.37 -1.82 21.66
C GLN A 224 -5.53 -2.80 21.72
N TYR A 225 -6.71 -2.33 22.15
CA TYR A 225 -7.85 -3.23 22.24
C TYR A 225 -8.20 -3.79 20.86
N LEU A 226 -8.21 -2.93 19.84
CA LEU A 226 -8.47 -3.38 18.47
C LEU A 226 -7.45 -4.40 18.02
N LEU A 227 -6.18 -4.15 18.31
CA LEU A 227 -5.13 -5.08 17.91
C LEU A 227 -5.25 -6.42 18.65
N ASP A 228 -5.41 -6.39 19.98
CA ASP A 228 -5.61 -7.62 20.73
C ASP A 228 -6.80 -8.41 20.19
N ASN A 229 -7.87 -7.70 19.81
CA ASN A 229 -9.09 -8.32 19.32
C ASN A 229 -9.23 -8.22 17.82
N ASN A 230 -8.12 -8.27 17.10
CA ASN A 230 -8.23 -8.15 15.66
C ASN A 230 -9.07 -9.28 15.07
N GLU A 231 -9.11 -10.46 15.70
CA GLU A 231 -9.84 -11.55 15.05
CA GLU A 231 -9.84 -11.56 15.07
C GLU A 231 -11.32 -11.24 14.95
N THR A 232 -11.88 -10.52 15.91
CA THR A 232 -13.31 -10.20 15.84
C THR A 232 -13.63 -8.80 15.34
N LEU A 233 -12.70 -7.86 15.43
CA LEU A 233 -13.01 -6.49 15.04
C LEU A 233 -12.27 -6.02 13.80
N LEU A 234 -11.32 -6.81 13.24
CA LEU A 234 -10.57 -6.39 12.06
C LEU A 234 -10.58 -7.44 10.98
N GLN A 235 -10.37 -8.70 11.35
CA GLN A 235 -10.29 -9.75 10.33
C GLN A 235 -11.58 -9.90 9.53
N PRO A 236 -12.78 -9.61 10.06
CA PRO A 236 -13.96 -9.65 9.18
C PRO A 236 -13.81 -8.74 7.97
N LEU A 237 -13.18 -7.58 8.14
CA LEU A 237 -12.92 -6.71 6.99
C LEU A 237 -11.99 -7.40 5.98
N ARG A 238 -10.86 -7.91 6.44
CA ARG A 238 -9.87 -8.47 5.53
C ARG A 238 -10.48 -9.65 4.76
N ARG A 239 -11.30 -10.46 5.43
CA ARG A 239 -11.95 -11.57 4.75
C ARG A 239 -12.85 -11.10 3.62
N ARG A 240 -13.36 -9.87 3.68
CA ARG A 240 -14.17 -9.32 2.58
C ARG A 240 -13.32 -8.54 1.56
N GLY A 241 -12.00 -8.58 1.68
CA GLY A 241 -11.10 -7.92 0.75
C GLY A 241 -10.63 -6.54 1.18
N VAL A 242 -11.05 -6.02 2.34
CA VAL A 242 -10.64 -4.69 2.77
C VAL A 242 -9.20 -4.78 3.28
N LYS A 243 -8.35 -3.83 2.91
CA LYS A 243 -7.02 -3.79 3.50
C LYS A 243 -7.12 -2.95 4.76
N VAL A 244 -6.53 -3.44 5.84
CA VAL A 244 -6.57 -2.77 7.14
C VAL A 244 -5.16 -2.30 7.48
N LEU A 245 -4.95 -0.99 7.56
CA LEU A 245 -3.62 -0.46 7.87
C LEU A 245 -3.59 0.09 9.29
N LEU A 246 -2.44 0.02 9.95
CA LEU A 246 -2.24 0.71 11.22
C LEU A 246 -1.80 2.14 10.94
N GLY A 247 -2.50 3.11 11.49
CA GLY A 247 -2.06 4.47 11.32
C GLY A 247 -0.96 4.75 12.34
N LEU A 248 0.08 5.45 11.91
CA LEU A 248 1.11 5.95 12.82
C LEU A 248 1.10 7.47 12.80
N LEU A 249 1.21 8.09 13.97
CA LEU A 249 1.00 9.51 14.12
C LEU A 249 1.96 10.04 15.18
N GLY A 250 2.56 11.21 14.96
CA GLY A 250 3.41 11.80 15.98
C GLY A 250 2.64 12.04 17.28
N ASN A 251 3.34 12.19 18.39
CA ASN A 251 2.62 12.20 19.67
C ASN A 251 3.37 13.00 20.75
N HIS A 252 3.74 14.26 20.44
CA HIS A 252 4.13 15.25 21.45
C HIS A 252 5.37 14.86 22.26
N ASP A 253 6.39 14.32 21.60
CA ASP A 253 7.68 14.12 22.26
C ASP A 253 8.79 14.38 21.24
N ILE A 254 10.01 13.95 21.55
CA ILE A 254 11.14 14.22 20.67
C ILE A 254 11.14 13.32 19.45
N THR A 255 10.24 12.32 19.36
CA THR A 255 10.26 11.39 18.24
C THR A 255 9.27 11.81 17.17
N GLY A 256 9.56 11.41 15.92
CA GLY A 256 8.74 11.84 14.81
C GLY A 256 8.99 11.01 13.58
N LEU A 257 7.99 10.99 12.71
CA LEU A 257 8.03 10.16 11.51
C LEU A 257 8.90 10.78 10.43
N ALA A 258 9.27 12.05 10.61
CA ALA A 258 10.11 12.78 9.66
C ALA A 258 11.39 13.26 10.31
N GLN A 259 11.77 12.66 11.43
CA GLN A 259 12.98 13.05 12.13
C GLN A 259 13.72 11.85 12.72
N LEU A 260 13.65 10.70 12.05
CA LEU A 260 14.48 9.54 12.39
C LEU A 260 15.76 9.51 11.55
N SER A 261 16.88 9.23 12.23
CA SER A 261 18.14 9.00 11.53
C SER A 261 18.01 7.76 10.68
N GLU A 262 19.03 7.50 9.84
CA GLU A 262 18.96 6.32 9.03
C GLU A 262 18.84 5.08 9.91
N GLN A 263 19.57 5.04 11.03
CA GLN A 263 19.49 3.85 11.86
C GLN A 263 18.19 3.81 12.63
N GLY A 264 17.75 4.95 13.16
CA GLY A 264 16.47 4.98 13.86
C GLY A 264 15.31 4.56 12.95
N ALA A 265 15.39 4.93 11.66
CA ALA A 265 14.34 4.57 10.73
C ALA A 265 14.32 3.08 10.44
N LYS A 266 15.51 2.49 10.25
CA LYS A 266 15.59 1.06 10.04
C LYS A 266 14.93 0.29 11.18
N ASP A 267 15.22 0.67 12.43
CA ASP A 267 14.65 -0.03 13.57
C ASP A 267 13.16 0.27 13.72
N PHE A 268 12.77 1.53 13.57
CA PHE A 268 11.35 1.81 13.71
C PHE A 268 10.56 1.07 12.63
N ALA A 269 11.12 1.02 11.43
CA ALA A 269 10.49 0.30 10.32
C ALA A 269 10.28 -1.18 10.66
N ARG A 270 11.25 -1.82 11.32
CA ARG A 270 11.07 -3.23 11.64
C ARG A 270 9.98 -3.41 12.71
N GLU A 271 9.88 -2.46 13.64
CA GLU A 271 8.84 -2.53 14.65
C GLU A 271 7.44 -2.37 14.02
N VAL A 272 7.31 -1.49 13.01
CA VAL A 272 6.03 -1.35 12.30
C VAL A 272 5.71 -2.64 11.55
N ALA A 273 6.69 -3.21 10.85
CA ALA A 273 6.40 -4.45 10.12
C ALA A 273 6.02 -5.57 11.06
N GLN A 274 6.61 -5.58 12.25
CA GLN A 274 6.35 -6.64 13.20
C GLN A 274 4.93 -6.52 13.73
N TYR A 275 4.45 -5.30 13.97
CA TYR A 275 3.04 -5.10 14.30
C TYR A 275 2.12 -5.64 13.20
N CYS A 276 2.45 -5.33 11.95
CA CYS A 276 1.60 -5.75 10.85
C CYS A 276 1.57 -7.27 10.72
N LYS A 277 2.71 -7.92 10.99
CA LYS A 277 2.75 -9.38 11.01
C LYS A 277 2.02 -9.95 12.21
N ALA A 278 2.28 -9.41 13.41
CA ALA A 278 1.69 -10.00 14.62
C ALA A 278 0.16 -9.92 14.62
N TYR A 279 -0.40 -8.81 14.14
CA TYR A 279 -1.85 -8.62 14.16
C TYR A 279 -2.49 -8.84 12.80
N ASN A 280 -1.74 -9.43 11.85
CA ASN A 280 -2.25 -9.80 10.53
CA ASN A 280 -2.26 -9.79 10.54
C ASN A 280 -2.95 -8.61 9.87
N LEU A 281 -2.19 -7.52 9.69
CA LEU A 281 -2.64 -6.31 9.01
C LEU A 281 -1.96 -6.18 7.66
N ASP A 282 -2.35 -5.15 6.91
CA ASP A 282 -1.98 -4.99 5.51
C ASP A 282 -1.04 -3.82 5.23
N GLY A 283 -0.57 -3.12 6.24
CA GLY A 283 0.36 -2.03 5.97
C GLY A 283 0.15 -0.91 6.96
N VAL A 284 0.65 0.28 6.59
CA VAL A 284 0.76 1.42 7.50
CA VAL A 284 0.64 1.41 7.50
C VAL A 284 0.35 2.69 6.75
N ASN A 285 -0.14 3.68 7.50
CA ASN A 285 -0.19 5.06 7.05
C ASN A 285 0.67 5.88 7.98
N TYR A 286 1.60 6.67 7.43
CA TYR A 286 2.40 7.60 8.20
C TYR A 286 1.84 9.02 8.10
N ASP A 287 1.65 9.66 9.25
CA ASP A 287 1.11 11.01 9.37
C ASP A 287 2.04 11.83 10.26
N ASP A 288 2.75 12.79 9.66
CA ASP A 288 3.80 13.54 10.35
C ASP A 288 3.16 14.78 10.97
N GLU A 289 2.46 14.57 12.08
CA GLU A 289 1.86 15.67 12.83
C GLU A 289 2.06 15.41 14.31
N TYR A 290 2.16 16.50 15.08
CA TYR A 290 2.13 16.57 16.56
C TYR A 290 3.42 16.13 17.22
N SER A 291 4.50 15.92 16.47
CA SER A 291 5.75 15.63 17.13
C SER A 291 6.39 16.94 17.58
N ASN A 292 7.32 16.85 18.53
CA ASN A 292 8.08 18.02 18.96
C ASN A 292 9.47 17.95 18.35
N SER A 293 10.30 18.95 18.69
CA SER A 293 11.65 18.99 18.13
C SER A 293 12.45 17.79 18.61
N PRO A 294 13.28 17.18 17.75
CA PRO A 294 14.08 16.06 18.18
C PRO A 294 15.27 16.51 19.01
N ASP A 295 15.84 15.54 19.72
CA ASP A 295 17.08 15.70 20.46
C ASP A 295 18.21 15.29 19.50
N LEU A 296 18.83 16.28 18.84
CA LEU A 296 19.80 15.96 17.80
C LEU A 296 21.03 15.29 18.35
N SER A 297 21.17 15.22 19.66
CA SER A 297 22.23 14.43 20.25
C SER A 297 21.91 12.94 20.23
N ASN A 298 20.66 12.55 19.84
CA ASN A 298 20.30 11.13 19.91
C ASN A 298 20.53 10.41 18.57
N PRO A 299 21.25 9.29 18.57
CA PRO A 299 21.58 8.65 17.29
CA PRO A 299 21.58 8.64 17.29
C PRO A 299 20.38 8.12 16.53
N SER A 300 19.21 8.07 17.15
CA SER A 300 18.04 7.59 16.43
CA SER A 300 17.99 7.60 16.48
C SER A 300 17.24 8.72 15.78
N LEU A 301 17.56 9.97 16.11
CA LEU A 301 16.87 11.14 15.58
C LEU A 301 17.80 11.91 14.66
N THR A 302 17.19 12.83 13.93
CA THR A 302 17.94 13.73 13.07
C THR A 302 17.09 14.97 12.85
N ASN A 303 17.65 15.92 12.12
CA ASN A 303 16.90 17.14 11.77
C ASN A 303 15.61 16.75 11.05
N PRO A 304 14.45 17.29 11.43
CA PRO A 304 13.21 16.93 10.74
C PRO A 304 13.32 17.35 9.28
N SER A 305 13.06 16.40 8.37
CA SER A 305 13.18 16.70 6.95
CA SER A 305 13.21 16.68 6.95
C SER A 305 12.36 15.69 6.16
N THR A 306 11.92 16.13 4.98
CA THR A 306 11.22 15.22 4.11
C THR A 306 12.14 14.08 3.69
N ALA A 307 13.46 14.29 3.71
CA ALA A 307 14.40 13.22 3.38
C ALA A 307 14.40 12.13 4.46
N ALA A 308 14.24 12.52 5.74
CA ALA A 308 14.13 11.53 6.82
C ALA A 308 12.80 10.76 6.72
N ALA A 309 11.74 11.45 6.32
CA ALA A 309 10.47 10.77 6.09
C ALA A 309 10.61 9.76 4.99
N ALA A 310 11.20 10.16 3.85
CA ALA A 310 11.36 9.22 2.75
C ALA A 310 12.19 8.01 3.19
N ARG A 311 13.24 8.25 3.97
CA ARG A 311 14.04 7.15 4.52
C ARG A 311 13.16 6.17 5.30
N LEU A 312 12.28 6.66 6.18
CA LEU A 312 11.40 5.76 6.91
C LEU A 312 10.49 4.98 5.97
N CYS A 313 9.87 5.66 5.00
CA CYS A 313 9.05 4.95 4.03
C CYS A 313 9.85 3.85 3.31
N TYR A 314 11.02 4.21 2.78
CA TYR A 314 11.86 3.22 2.12
C TYR A 314 12.16 2.05 3.05
N GLU A 315 12.60 2.35 4.28
CA GLU A 315 12.95 1.24 5.18
C GLU A 315 11.74 0.40 5.55
N THR A 316 10.57 1.03 5.70
CA THR A 316 9.37 0.27 6.01
C THR A 316 9.01 -0.66 4.87
N LYS A 317 9.07 -0.17 3.63
CA LYS A 317 8.77 -1.05 2.50
C LYS A 317 9.76 -2.22 2.44
N GLN A 318 11.04 -1.97 2.73
CA GLN A 318 12.02 -3.06 2.76
C GLN A 318 11.66 -4.13 3.79
N ALA A 319 11.03 -3.71 4.89
CA ALA A 319 10.71 -4.63 5.99
C ALA A 319 9.40 -5.35 5.79
N MET A 320 8.47 -4.80 5.01
CA MET A 320 7.23 -5.50 4.67
C MET A 320 6.91 -5.20 3.22
N PRO A 321 7.67 -5.81 2.30
CA PRO A 321 7.51 -5.49 0.87
C PRO A 321 6.18 -5.93 0.28
N ASP A 322 5.49 -6.90 0.90
CA ASP A 322 4.17 -7.34 0.45
C ASP A 322 3.04 -6.44 0.94
N LYS A 323 3.33 -5.45 1.78
CA LYS A 323 2.32 -4.66 2.47
CA LYS A 323 2.30 -4.65 2.44
C LYS A 323 2.41 -3.19 2.05
N LEU A 324 1.30 -2.46 2.27
CA LEU A 324 1.18 -1.08 1.81
C LEU A 324 1.95 -0.10 2.70
N VAL A 325 2.67 0.80 2.07
CA VAL A 325 3.33 1.90 2.73
C VAL A 325 2.68 3.15 2.17
N THR A 326 1.97 3.90 3.02
CA THR A 326 1.11 4.98 2.55
C THR A 326 1.35 6.17 3.45
N VAL A 327 1.14 7.36 2.91
CA VAL A 327 1.42 8.58 3.67
CA VAL A 327 1.43 8.59 3.65
C VAL A 327 0.27 9.55 3.49
N PHE A 328 0.04 10.33 4.52
CA PHE A 328 -0.75 11.56 4.46
C PHE A 328 0.22 12.64 4.04
N ASP A 329 -0.09 13.38 2.97
CA ASP A 329 0.80 14.44 2.50
C ASP A 329 0.60 15.70 3.34
N TRP A 330 1.32 15.80 4.46
CA TRP A 330 1.25 16.93 5.39
C TRP A 330 2.48 16.84 6.25
N GLY A 331 2.80 17.94 6.93
CA GLY A 331 4.07 17.98 7.64
C GLY A 331 5.19 17.82 6.64
N GLN A 332 6.23 17.07 7.02
CA GLN A 332 7.35 16.75 6.15
C GLN A 332 7.34 15.28 5.72
N MET A 333 6.15 14.70 5.61
CA MET A 333 6.07 13.27 5.36
C MET A 333 6.31 12.88 3.90
N TYR A 334 6.17 13.81 2.94
CA TYR A 334 6.07 13.45 1.53
C TYR A 334 6.73 14.53 0.68
N GLY A 335 7.57 14.09 -0.29
CA GLY A 335 8.11 14.99 -1.28
C GLY A 335 9.49 14.64 -1.83
N VAL A 336 10.29 13.84 -1.11
CA VAL A 336 11.62 13.42 -1.59
C VAL A 336 11.42 12.10 -2.34
N ALA A 337 11.94 12.01 -3.56
CA ALA A 337 11.52 10.97 -4.51
C ALA A 337 12.48 9.80 -4.63
N THR A 338 13.56 9.79 -3.87
CA THR A 338 14.59 8.76 -4.06
CA THR A 338 14.61 8.79 -4.07
C THR A 338 15.32 8.57 -2.75
N VAL A 339 15.53 7.30 -2.39
CA VAL A 339 16.31 6.91 -1.22
C VAL A 339 17.28 5.83 -1.69
N ASP A 340 18.58 6.04 -1.47
CA ASP A 340 19.59 5.04 -1.81
C ASP A 340 19.39 4.57 -3.25
N GLY A 341 19.08 5.49 -4.17
CA GLY A 341 18.93 5.13 -5.56
C GLY A 341 17.65 4.44 -5.94
N VAL A 342 16.68 4.33 -5.02
CA VAL A 342 15.41 3.65 -5.27
C VAL A 342 14.30 4.70 -5.35
N ASP A 343 13.55 4.66 -6.45
CA ASP A 343 12.52 5.66 -6.70
C ASP A 343 11.30 5.42 -5.82
N ALA A 344 10.60 6.51 -5.50
CA ALA A 344 9.44 6.49 -4.61
C ALA A 344 8.32 5.58 -5.12
N LYS A 345 8.24 5.27 -6.42
CA LYS A 345 7.16 4.34 -6.80
C LYS A 345 7.31 2.97 -6.14
N GLU A 346 8.51 2.62 -5.70
CA GLU A 346 8.76 1.35 -5.05
C GLU A 346 8.43 1.36 -3.58
N TRP A 347 8.20 2.54 -2.96
CA TRP A 347 7.95 2.53 -1.52
C TRP A 347 6.87 3.51 -1.04
N ILE A 348 6.13 4.16 -1.94
CA ILE A 348 4.92 4.90 -1.60
CA ILE A 348 4.93 4.90 -1.59
C ILE A 348 3.80 4.30 -2.43
N ASP A 349 2.97 3.45 -1.81
CA ASP A 349 1.91 2.78 -2.55
C ASP A 349 0.72 3.71 -2.80
N ILE A 350 0.37 4.52 -1.80
CA ILE A 350 -0.74 5.46 -1.86
C ILE A 350 -0.33 6.74 -1.12
N VAL A 351 -0.60 7.88 -1.71
CA VAL A 351 -0.47 9.14 -0.98
C VAL A 351 -1.82 9.83 -0.98
N VAL A 352 -2.25 10.33 0.20
CA VAL A 352 -3.53 11.01 0.34
C VAL A 352 -3.26 12.41 0.85
N ALA A 353 -3.98 13.36 0.29
CA ALA A 353 -3.72 14.77 0.49
C ALA A 353 -4.65 15.36 1.54
N ASN A 354 -4.27 16.54 1.98
CA ASN A 354 -5.05 17.27 2.93
C ASN A 354 -6.42 17.61 2.34
N TYR A 355 -7.42 17.73 3.23
CA TYR A 355 -8.79 18.07 2.84
C TYR A 355 -8.84 19.31 1.94
N GLY A 356 -9.56 19.17 0.83
CA GLY A 356 -9.67 20.23 -0.15
C GLY A 356 -8.69 20.17 -1.32
N SER A 357 -7.84 19.14 -1.39
CA SER A 357 -6.85 19.06 -2.46
CA SER A 357 -6.82 19.06 -2.44
C SER A 357 -6.66 17.64 -2.93
N ALA A 358 -6.01 17.51 -4.09
CA ALA A 358 -5.66 16.25 -4.71
C ALA A 358 -4.19 15.98 -4.40
N ALA A 359 -3.85 14.71 -4.18
CA ALA A 359 -2.46 14.39 -3.99
C ALA A 359 -1.80 14.43 -5.37
N TYR A 360 -0.49 14.56 -5.38
CA TYR A 360 0.17 14.57 -6.69
C TYR A 360 1.29 13.58 -6.54
N PRO A 361 1.77 13.01 -7.68
CA PRO A 361 2.88 12.04 -7.61
C PRO A 361 4.28 12.64 -7.67
N ILE A 362 5.27 11.87 -7.18
CA ILE A 362 6.69 12.25 -7.31
C ILE A 362 7.49 11.05 -7.81
N GLY A 363 8.74 11.33 -8.21
CA GLY A 363 9.56 10.27 -8.81
C GLY A 363 8.81 9.71 -10.00
N GLN A 364 8.76 8.39 -10.13
CA GLN A 364 8.03 7.75 -11.22
C GLN A 364 6.62 7.32 -10.82
N MET A 365 6.10 7.81 -9.71
CA MET A 365 4.73 7.47 -9.36
C MET A 365 3.80 8.05 -10.42
N THR A 366 2.57 7.54 -10.45
CA THR A 366 1.51 8.11 -11.26
C THR A 366 0.35 8.56 -10.37
N LYS A 367 -0.61 9.24 -11.00
CA LYS A 367 -1.80 9.63 -10.26
C LYS A 367 -2.61 8.44 -9.78
N LYS A 368 -2.35 7.23 -10.27
CA LYS A 368 -3.03 6.04 -9.75
C LYS A 368 -2.69 5.80 -8.29
N GLN A 369 -1.55 6.32 -7.82
CA GLN A 369 -1.14 6.24 -6.43
C GLN A 369 -1.67 7.38 -5.58
N CYS A 370 -2.50 8.25 -6.15
CA CYS A 370 -2.89 9.52 -5.55
C CYS A 370 -4.39 9.61 -5.31
N SER A 371 -4.75 10.22 -4.16
CA SER A 371 -6.15 10.59 -3.92
C SER A 371 -6.52 11.81 -4.78
N GLY A 372 -7.77 11.83 -5.28
CA GLY A 372 -8.26 13.00 -6.02
C GLY A 372 -9.16 13.90 -5.20
N ILE A 373 -9.53 13.43 -4.00
CA ILE A 373 -10.35 14.16 -3.06
C ILE A 373 -10.07 13.58 -1.69
N SER A 374 -10.06 14.44 -0.67
CA SER A 374 -10.04 14.01 0.72
C SER A 374 -11.17 14.69 1.45
N MET A 375 -12.07 13.87 2.01
CA MET A 375 -13.23 14.34 2.75
C MET A 375 -13.05 14.22 4.24
N GLU A 376 -13.25 15.33 4.95
CA GLU A 376 -13.24 15.33 6.41
CA GLU A 376 -13.25 15.34 6.40
C GLU A 376 -14.68 15.09 6.85
N PHE A 377 -14.98 13.85 7.23
CA PHE A 377 -16.37 13.48 7.49
C PHE A 377 -16.86 13.95 8.85
N ASN A 378 -15.96 14.20 9.78
CA ASN A 378 -16.38 14.64 11.11
CA ASN A 378 -16.38 14.64 11.11
C ASN A 378 -16.62 16.14 11.19
N LEU A 379 -15.72 16.95 10.61
CA LEU A 379 -15.93 18.40 10.61
C LEU A 379 -16.47 18.97 9.32
N GLY A 380 -16.43 18.25 8.19
CA GLY A 380 -17.20 18.64 7.01
C GLY A 380 -16.42 19.15 5.81
N GLY A 381 -15.14 19.49 5.93
CA GLY A 381 -14.44 20.05 4.78
C GLY A 381 -14.11 19.04 3.69
N GLY A 382 -13.80 19.58 2.50
CA GLY A 382 -13.12 18.80 1.47
C GLY A 382 -13.96 18.30 0.31
N GLY A 383 -15.24 18.60 0.26
CA GLY A 383 -16.03 18.30 -0.93
C GLY A 383 -16.85 17.04 -0.76
N SER A 384 -17.52 16.65 -1.84
CA SER A 384 -18.31 15.42 -1.91
C SER A 384 -17.89 14.56 -3.10
N LEU A 385 -18.11 13.26 -2.93
CA LEU A 385 -17.98 12.27 -4.01
C LEU A 385 -19.24 12.31 -4.88
N SER A 386 -19.39 13.41 -5.61
CA SER A 386 -20.51 13.65 -6.51
C SER A 386 -20.24 13.03 -7.87
N ALA A 387 -21.31 12.89 -8.69
CA ALA A 387 -21.12 12.43 -10.07
C ALA A 387 -20.10 13.28 -10.83
N SER A 388 -20.09 14.60 -10.64
CA SER A 388 -19.14 15.41 -11.41
C SER A 388 -17.71 15.23 -10.89
N LYS A 389 -17.54 15.23 -9.57
CA LYS A 389 -16.21 15.01 -9.00
C LYS A 389 -15.66 13.64 -9.37
N ALA A 390 -16.52 12.61 -9.37
CA ALA A 390 -16.08 11.28 -9.78
C ALA A 390 -15.56 11.28 -11.22
N GLN A 391 -16.30 11.89 -12.15
CA GLN A 391 -15.85 11.91 -13.54
C GLN A 391 -14.58 12.75 -13.67
N SER A 392 -14.53 13.89 -12.97
CA SER A 392 -13.34 14.74 -12.99
CA SER A 392 -13.34 14.72 -13.03
CA SER A 392 -13.34 14.73 -13.02
C SER A 392 -12.11 13.97 -12.55
N MET A 393 -12.26 13.18 -11.48
CA MET A 393 -11.15 12.38 -10.96
C MET A 393 -10.79 11.23 -11.90
N ILE A 394 -11.78 10.55 -12.47
CA ILE A 394 -11.47 9.56 -13.49
C ILE A 394 -10.70 10.20 -14.63
N ASP A 395 -11.15 11.39 -15.04
CA ASP A 395 -10.52 12.09 -16.17
C ASP A 395 -9.06 12.41 -15.85
N GLY A 396 -8.78 12.81 -14.64
CA GLY A 396 -7.44 13.05 -14.17
C GLY A 396 -6.56 11.85 -13.90
N GLY A 397 -7.08 10.63 -14.01
CA GLY A 397 -6.26 9.46 -13.79
C GLY A 397 -6.06 9.10 -12.33
N TYR A 398 -6.84 9.68 -11.41
CA TYR A 398 -6.60 9.46 -9.99
C TYR A 398 -7.01 8.06 -9.56
N GLY A 399 -6.24 7.48 -8.60
CA GLY A 399 -6.49 6.14 -8.16
C GLY A 399 -7.41 6.05 -6.94
N TRP A 400 -7.52 7.12 -6.17
CA TRP A 400 -8.09 7.03 -4.81
C TRP A 400 -9.01 8.20 -4.48
N PHE A 401 -9.99 7.93 -3.60
CA PHE A 401 -10.66 8.97 -2.80
C PHE A 401 -10.54 8.64 -1.34
N MET A 402 -10.31 9.67 -0.53
CA MET A 402 -9.98 9.52 0.87
C MET A 402 -11.11 10.13 1.70
N GLY A 403 -11.45 9.48 2.81
CA GLY A 403 -12.36 10.04 3.78
C GLY A 403 -11.77 9.90 5.17
N PHE A 404 -12.16 10.82 6.06
CA PHE A 404 -11.60 10.86 7.40
C PHE A 404 -12.69 10.96 8.47
N ALA A 405 -12.65 10.02 9.43
CA ALA A 405 -13.41 10.05 10.68
C ALA A 405 -14.92 10.03 10.46
N PRO A 406 -15.46 9.09 9.68
CA PRO A 406 -16.92 8.90 9.69
C PRO A 406 -17.34 8.32 11.04
N SER A 407 -18.60 8.56 11.42
CA SER A 407 -19.14 7.94 12.61
C SER A 407 -20.63 7.71 12.38
N PRO A 408 -21.19 6.66 12.98
CA PRO A 408 -22.63 6.40 12.79
C PRO A 408 -23.51 7.58 13.15
N ALA A 409 -23.14 8.38 14.15
CA ALA A 409 -23.97 9.51 14.53
C ALA A 409 -24.05 10.55 13.41
N LYS A 410 -23.12 10.53 12.45
CA LYS A 410 -23.12 11.44 11.32
C LYS A 410 -23.32 10.74 9.98
N TYR A 411 -23.92 9.55 9.98
CA TYR A 411 -24.13 8.85 8.71
C TYR A 411 -24.98 9.68 7.73
N GLY A 412 -25.94 10.45 8.24
CA GLY A 412 -26.74 11.26 7.32
C GLY A 412 -25.89 12.19 6.48
N SER A 413 -25.02 12.97 7.14
CA SER A 413 -24.10 13.87 6.44
CA SER A 413 -24.13 13.86 6.40
C SER A 413 -23.11 13.08 5.58
N VAL A 414 -22.52 12.03 6.16
CA VAL A 414 -21.51 11.25 5.44
C VAL A 414 -22.07 10.70 4.15
N PHE A 415 -23.23 10.03 4.23
CA PHE A 415 -23.71 9.37 3.01
C PHE A 415 -24.28 10.37 2.00
N SER A 416 -24.82 11.49 2.47
CA SER A 416 -25.21 12.54 1.54
CA SER A 416 -25.21 12.52 1.52
C SER A 416 -24.01 12.98 0.70
N ARG A 417 -22.82 12.90 1.26
CA ARG A 417 -21.58 13.37 0.57
C ARG A 417 -21.10 12.28 -0.40
N LEU A 418 -21.78 11.14 -0.45
CA LEU A 418 -21.42 10.04 -1.32
C LEU A 418 -22.46 9.81 -2.40
N GLN A 419 -23.46 10.69 -2.54
CA GLN A 419 -24.53 10.45 -3.50
CA GLN A 419 -24.54 10.45 -3.51
C GLN A 419 -24.09 10.78 -4.93
N GLY A 420 -24.41 9.89 -5.85
CA GLY A 420 -24.12 10.10 -7.25
C GLY A 420 -22.75 9.61 -7.71
N GLY A 421 -21.72 9.68 -6.86
CA GLY A 421 -20.37 9.29 -7.29
C GLY A 421 -20.23 7.82 -7.64
N GLY A 422 -20.92 6.95 -6.89
CA GLY A 422 -20.78 5.51 -7.13
C GLY A 422 -21.29 5.09 -8.48
N GLU A 423 -22.40 5.68 -8.95
CA GLU A 423 -22.87 5.37 -10.31
C GLU A 423 -21.76 5.59 -11.32
N VAL A 424 -21.10 6.74 -11.24
CA VAL A 424 -20.01 7.08 -12.17
C VAL A 424 -18.84 6.11 -12.01
N LEU A 425 -18.37 5.91 -10.77
CA LEU A 425 -17.14 5.13 -10.57
C LEU A 425 -17.35 3.67 -10.88
N TYR A 426 -18.53 3.14 -10.50
CA TYR A 426 -18.77 1.70 -10.49
C TYR A 426 -20.02 1.26 -11.21
N GLY A 427 -20.89 2.17 -11.65
CA GLY A 427 -22.17 1.74 -12.19
C GLY A 427 -23.16 1.33 -11.13
N SER A 428 -22.92 1.73 -9.88
CA SER A 428 -23.79 1.34 -8.78
C SER A 428 -23.58 2.34 -7.65
N ASN A 429 -24.62 3.10 -7.31
CA ASN A 429 -24.53 4.10 -6.27
C ASN A 429 -24.34 3.46 -4.90
N VAL A 430 -23.81 4.25 -3.96
CA VAL A 430 -23.72 3.84 -2.58
C VAL A 430 -25.14 3.71 -2.03
N ALA A 431 -25.41 2.60 -1.34
CA ALA A 431 -26.73 2.38 -0.76
C ALA A 431 -26.80 3.04 0.60
N ALA A 432 -28.00 3.56 0.96
CA ALA A 432 -28.19 4.09 2.31
C ALA A 432 -27.80 3.03 3.33
N PRO A 433 -27.23 3.40 4.47
CA PRO A 433 -26.82 2.38 5.46
C PRO A 433 -28.00 1.77 6.21
N THR A 434 -27.85 0.48 6.52
CA THR A 434 -28.83 -0.23 7.32
C THR A 434 -28.20 -0.89 8.53
N ILE A 435 -26.88 -0.85 8.68
CA ILE A 435 -26.15 -1.44 9.79
C ILE A 435 -25.14 -0.43 10.33
N PHE A 436 -24.89 -0.46 11.64
CA PHE A 436 -23.72 0.20 12.22
C PHE A 436 -23.24 -0.63 13.41
N TYR A 437 -22.04 -0.33 13.87
CA TYR A 437 -21.41 -1.01 14.99
C TYR A 437 -21.04 0.00 16.06
N LYS A 438 -21.20 -0.42 17.32
CA LYS A 438 -20.76 0.35 18.48
C LYS A 438 -19.31 0.04 18.81
N LYS A 439 -18.69 0.97 19.57
CA LYS A 439 -17.27 0.85 19.85
C LYS A 439 -16.95 -0.49 20.50
N ASN A 440 -15.96 -1.19 19.95
CA ASN A 440 -15.42 -2.42 20.52
C ASN A 440 -16.44 -3.53 20.57
N ASP A 441 -17.53 -3.39 19.84
CA ASP A 441 -18.63 -4.36 19.93
C ASP A 441 -18.81 -4.99 18.55
N PRO A 442 -18.70 -6.32 18.41
CA PRO A 442 -18.90 -6.94 17.08
C PRO A 442 -20.36 -7.03 16.63
N THR A 443 -21.32 -6.65 17.45
CA THR A 443 -22.73 -6.85 17.08
C THR A 443 -23.15 -5.90 15.96
N PRO A 444 -23.76 -6.40 14.86
CA PRO A 444 -24.36 -5.50 13.87
C PRO A 444 -25.70 -4.95 14.35
N TYR A 445 -25.78 -3.65 14.59
CA TYR A 445 -27.01 -3.00 15.00
C TYR A 445 -27.78 -2.44 13.79
N LYS A 446 -29.10 -2.27 13.93
CA LYS A 446 -29.87 -1.68 12.82
C LYS A 446 -29.63 -0.17 12.76
N TYR A 447 -29.27 0.33 11.57
CA TYR A 447 -29.23 1.80 11.44
C TYR A 447 -30.51 2.24 10.76
N PRO A 448 -31.21 3.29 11.27
CA PRO A 448 -30.91 4.17 12.42
C PRO A 448 -31.49 3.71 13.74
N ASP A 449 -32.34 2.68 13.69
CA ASP A 449 -33.19 2.31 14.83
C ASP A 449 -32.41 2.24 16.12
N ASP A 450 -31.29 1.50 16.11
CA ASP A 450 -30.53 1.15 17.29
C ASP A 450 -29.56 2.22 17.73
N LEU A 451 -29.58 3.39 17.10
CA LEU A 451 -28.64 4.44 17.50
C LEU A 451 -28.93 4.92 18.91
C1 NAG B . -5.65 16.28 10.30
C2 NAG B . -4.96 15.16 11.08
C3 NAG B . -5.78 14.71 12.29
C4 NAG B . -6.79 15.72 12.78
C5 NAG B . -7.74 16.05 11.65
C6 NAG B . -8.57 17.28 11.83
C7 NAG B . -5.60 13.50 9.39
C8 NAG B . -5.09 12.48 8.41
N2 NAG B . -4.68 14.03 10.21
O1 NAG B . -5.23 17.44 10.65
O3 NAG B . -4.86 14.40 13.29
O4 NAG B . -7.52 15.13 13.87
O5 NAG B . -7.05 16.17 10.41
O6 NAG B . -9.58 17.35 10.90
O7 NAG B . -6.77 13.82 9.44
C1 BMA B . -7.77 15.95 14.99
C2 BMA B . -8.85 15.28 15.82
C3 BMA B . -9.09 16.07 17.10
C4 BMA B . -7.78 16.31 17.84
C5 BMA B . -6.75 16.93 16.90
C6 BMA B . -5.39 17.02 17.55
O2 BMA B . -8.48 13.95 16.13
O3 BMA B . -9.93 15.30 17.96
O4 BMA B . -7.99 17.20 18.94
O5 BMA B . -6.58 16.09 15.74
O6 BMA B . -4.96 15.71 17.92
C1 MAN B . -11.31 15.60 17.99
C2 MAN B . -11.88 15.08 19.29
C3 MAN B . -11.79 13.56 19.34
C4 MAN B . -12.39 12.95 18.09
C5 MAN B . -11.78 13.58 16.84
C6 MAN B . -12.42 13.10 15.56
O2 MAN B . -13.27 15.44 19.36
O3 MAN B . -12.46 13.07 20.49
O4 MAN B . -12.14 11.55 18.06
O5 MAN B . -11.95 15.01 16.89
O6 MAN B . -11.60 13.35 14.44
C1 NAG B . -13.69 16.17 20.50
C2 NAG B . -14.91 16.97 20.04
C3 NAG B . -15.51 17.73 21.22
C4 NAG B . -15.76 16.76 22.37
C5 NAG B . -14.51 15.97 22.71
C6 NAG B . -14.74 14.92 23.77
C7 NAG B . -14.86 17.64 17.69
C8 NAG B . -14.20 18.55 16.68
N2 NAG B . -14.56 17.88 18.96
O3 NAG B . -16.73 18.34 20.82
O4 NAG B . -16.13 17.54 23.52
O5 NAG B . -14.03 15.29 21.54
O6 NAG B . -15.53 13.84 23.27
O7 NAG B . -15.62 16.74 17.34
C1 GAL B . -17.50 17.70 23.77
C2 GAL B . -17.68 17.85 25.28
C3 GAL B . -19.14 18.15 25.60
C4 GAL B . -19.65 19.33 24.80
C5 GAL B . -19.37 19.10 23.31
C6 GAL B . -19.75 20.29 22.45
O2 GAL B . -17.27 16.65 25.93
O3 GAL B . -19.28 18.42 27.00
O4 GAL B . -19.00 20.53 25.21
O5 GAL B . -17.97 18.86 23.11
O6 GAL B . -19.21 20.16 21.15
C1 MAN B . -3.69 15.65 18.48
C2 MAN B . -3.40 14.20 18.82
C3 MAN B . -4.38 13.70 19.87
C4 MAN B . -4.39 14.62 21.09
C5 MAN B . -4.63 16.07 20.64
C6 MAN B . -4.51 17.04 21.78
O2 MAN B . -2.06 14.07 19.30
O3 MAN B . -3.96 12.40 20.31
O4 MAN B . -5.42 14.24 21.99
O5 MAN B . -3.64 16.44 19.66
O6 MAN B . -3.31 16.75 22.51
C1 MAN B . -4.98 11.48 20.61
C2 MAN B . -4.32 10.27 21.28
C3 MAN B . -3.38 9.56 20.30
C4 MAN B . -4.10 9.26 18.98
C5 MAN B . -4.75 10.53 18.44
C6 MAN B . -5.57 10.27 17.20
O2 MAN B . -5.33 9.36 21.72
O3 MAN B . -2.90 8.36 20.88
O4 MAN B . -3.17 8.75 18.04
O5 MAN B . -5.64 11.08 19.42
O6 MAN B . -6.39 11.40 16.88
C1 MAN B . -2.86 17.80 23.30
C2 MAN B . -1.38 17.59 23.60
C3 MAN B . -1.20 16.31 24.41
C4 MAN B . -2.10 16.32 25.65
C5 MAN B . -3.55 16.62 25.24
C6 MAN B . -4.46 16.78 26.43
O2 MAN B . -0.86 18.70 24.31
O3 MAN B . 0.16 16.18 24.81
O4 MAN B . -2.04 15.07 26.30
O5 MAN B . -3.60 17.85 24.51
O6 MAN B . -5.77 17.15 26.04
C1 GOL C . 19.59 11.49 3.95
O1 GOL C . 19.18 12.67 4.64
C2 GOL C . 18.80 10.27 4.40
O2 GOL C . 19.02 9.19 3.50
C3 GOL C . 19.13 9.84 5.80
O3 GOL C . 18.77 8.49 6.04
C1 GOL D . -19.12 -8.55 12.45
O1 GOL D . -19.31 -8.98 13.79
C2 GOL D . -20.18 -9.11 11.52
O2 GOL D . -21.45 -8.53 11.83
C3 GOL D . -19.86 -8.91 10.06
O3 GOL D . -18.79 -9.75 9.63
#